data_7OR7
#
_entry.id   7OR7
#
_cell.length_a   82.437
_cell.length_b   111.431
_cell.length_c   62.424
_cell.angle_alpha   90.000
_cell.angle_beta   90.000
_cell.angle_gamma   90.000
#
_symmetry.space_group_name_H-M   'C 2 2 21'
#
loop_
_entity.id
_entity.type
_entity.pdbx_description
1 polymer '14-3-3 protein sigma'
2 polymer 'Neurogenic locus notch homolog protein 4'
3 non-polymer 'CHLORIDE ION'
4 non-polymer 'MAGNESIUM ION'
5 non-polymer ~{N}-[(5-carbamimidoyl-3-phenyl-thiophen-2-yl)methyl]-1~{H}-indole-6-carboxamide
6 water water
#
loop_
_entity_poly.entity_id
_entity_poly.type
_entity_poly.pdbx_seq_one_letter_code
_entity_poly.pdbx_strand_id
1 'polypeptide(L)'
;GAMGSMERASLIQKAKLAEQAERYEDMAAFMKGAVEKGEELS(CSO)EERNLLSVAYKNVVGGQRAAWRVLSSIEQKSNE
EGSEEKGPEVREYREKVETELQGVCDTVLGLLDSHLIKEAGDAESRVFYLKMKGDYYRYLAEVATGDDKKRIIDSARSAY
QEAMDISKKEMPPTNPIRLGLALNFSVFHYEIANSPEEAISLAKTTFDEAMADLHTLSEDSYKDSTLIMQLLRDNLTLWT
ADNAGEEGGEAPQEPQS
;
A
2 'polypeptide(L)' RGRRF(SEP)AGMRG B
#
loop_
_chem_comp.id
_chem_comp.type
_chem_comp.name
_chem_comp.formula
0B7 non-polymer ~{N}-[(5-carbamimidoyl-3-phenyl-thiophen-2-yl)methyl]-1~{H}-indole-6-carboxamide 'C21 H18 N4 O S'
CL non-polymer 'CHLORIDE ION' 'Cl -1'
MG non-polymer 'MAGNESIUM ION' 'Mg 2'
#
# COMPACT_ATOMS: atom_id res chain seq x y z
N GLY A 1 20.72 11.82 -7.55
CA GLY A 1 19.55 12.25 -6.74
C GLY A 1 19.94 13.38 -5.84
N ALA A 2 18.98 14.26 -5.53
CA ALA A 2 19.29 15.39 -4.66
C ALA A 2 19.67 14.94 -3.27
N MET A 3 19.42 13.68 -2.90
CA MET A 3 19.81 13.21 -1.58
C MET A 3 21.11 12.41 -1.59
N GLY A 4 21.78 12.35 -2.74
CA GLY A 4 22.98 11.56 -2.89
C GLY A 4 24.13 11.99 -2.01
N SER A 5 24.17 13.27 -1.61
CA SER A 5 25.27 13.76 -0.77
C SER A 5 24.99 13.63 0.73
N MET A 6 23.81 13.13 1.14
CA MET A 6 23.51 13.03 2.56
C MET A 6 23.73 11.61 3.07
N GLU A 7 24.27 11.51 4.28
CA GLU A 7 24.48 10.21 4.90
C GLU A 7 23.16 9.45 5.02
N ARG A 8 23.23 8.12 4.82
CA ARG A 8 22.05 7.28 5.04
C ARG A 8 21.45 7.52 6.42
N ALA A 9 22.27 7.50 7.47
CA ALA A 9 21.73 7.63 8.81
C ALA A 9 21.04 8.99 9.00
N SER A 10 21.59 10.04 8.37
CA SER A 10 20.98 11.36 8.46
C SER A 10 19.64 11.42 7.74
N LEU A 11 19.53 10.77 6.57
CA LEU A 11 18.25 10.67 5.88
C LEU A 11 17.18 9.97 6.73
N ILE A 12 17.55 8.87 7.38
CA ILE A 12 16.59 8.18 8.25
C ILE A 12 16.19 9.05 9.42
N GLN A 13 17.17 9.73 10.04
CA GLN A 13 16.85 10.62 11.15
C GLN A 13 15.90 11.73 10.70
N LYS A 14 16.18 12.33 9.54
CA LYS A 14 15.31 13.40 9.01
C LYS A 14 13.96 12.89 8.57
N ALA A 15 13.86 11.67 8.04
CA ALA A 15 12.54 11.12 7.75
C ALA A 15 11.69 11.04 9.02
N LYS A 16 12.30 10.63 10.14
CA LYS A 16 11.54 10.58 11.39
C LYS A 16 11.12 11.96 11.87
N LEU A 17 11.99 12.95 11.73
CA LEU A 17 11.63 14.33 12.05
C LEU A 17 10.49 14.82 11.16
N ALA A 18 10.56 14.54 9.86
CA ALA A 18 9.53 14.97 8.93
C ALA A 18 8.19 14.36 9.29
N GLU A 19 8.19 13.09 9.71
CA GLU A 19 6.97 12.46 10.19
C GLU A 19 6.39 13.23 11.36
N GLN A 20 7.24 13.57 12.33
CA GLN A 20 6.73 14.30 13.51
C GLN A 20 6.16 15.66 13.12
N ALA A 21 6.76 16.31 12.12
CA ALA A 21 6.33 17.59 11.59
C ALA A 21 5.18 17.49 10.59
N GLU A 22 4.71 16.28 10.28
CA GLU A 22 3.68 16.06 9.25
C GLU A 22 4.09 16.63 7.90
N ARG A 23 5.36 16.46 7.57
CA ARG A 23 5.94 16.91 6.30
C ARG A 23 6.21 15.67 5.45
N TYR A 24 5.13 15.11 4.88
CA TYR A 24 5.23 13.78 4.30
C TYR A 24 5.93 13.75 2.94
N GLU A 25 5.84 14.84 2.16
N GLU A 25 5.84 14.84 2.16
CA GLU A 25 6.62 14.92 0.93
CA GLU A 25 6.62 14.92 0.93
C GLU A 25 8.11 14.90 1.23
C GLU A 25 8.12 14.91 1.23
N ASP A 26 8.53 15.67 2.24
CA ASP A 26 9.92 15.61 2.68
C ASP A 26 10.27 14.21 3.17
N MET A 27 9.38 13.61 3.95
CA MET A 27 9.63 12.27 4.47
C MET A 27 9.87 11.28 3.36
N ALA A 28 9.04 11.36 2.31
CA ALA A 28 9.20 10.46 1.16
C ALA A 28 10.51 10.71 0.42
N ALA A 29 10.86 11.98 0.21
CA ALA A 29 12.14 12.27 -0.45
C ALA A 29 13.32 11.72 0.35
N PHE A 30 13.28 11.86 1.68
CA PHE A 30 14.38 11.34 2.50
C PHE A 30 14.45 9.82 2.40
N MET A 31 13.30 9.15 2.46
CA MET A 31 13.30 7.70 2.40
C MET A 31 13.68 7.20 1.01
N LYS A 32 13.27 7.90 -0.05
CA LYS A 32 13.75 7.57 -1.39
C LYS A 32 15.27 7.66 -1.42
N GLY A 33 15.83 8.73 -0.86
CA GLY A 33 17.29 8.84 -0.80
C GLY A 33 17.93 7.69 -0.03
N ALA A 34 17.34 7.30 1.10
CA ALA A 34 17.88 6.18 1.86
C ALA A 34 17.87 4.89 1.04
N VAL A 35 16.74 4.58 0.40
CA VAL A 35 16.66 3.40 -0.45
C VAL A 35 17.78 3.40 -1.49
N GLU A 36 17.97 4.55 -2.15
CA GLU A 36 18.94 4.67 -3.25
C GLU A 36 20.39 4.52 -2.78
N LYS A 37 20.64 4.52 -1.46
CA LYS A 37 21.97 4.14 -1.00
C LYS A 37 22.32 2.69 -1.30
N GLY A 38 21.32 1.85 -1.59
CA GLY A 38 21.57 0.49 -2.03
C GLY A 38 21.62 -0.58 -0.97
N GLU A 39 21.50 -0.23 0.31
CA GLU A 39 21.45 -1.24 1.35
C GLU A 39 20.02 -1.70 1.58
N GLU A 40 19.85 -2.95 2.02
CA GLU A 40 18.51 -3.40 2.39
C GLU A 40 17.98 -2.49 3.51
N LEU A 41 16.65 -2.45 3.67
CA LEU A 41 16.00 -1.65 4.70
C LEU A 41 15.58 -2.51 5.88
N SER A 42 15.70 -1.97 7.08
CA SER A 42 15.19 -2.64 8.29
C SER A 42 13.66 -2.59 8.39
N CSO A 43 13.08 -3.34 9.32
CA CSO A 43 11.65 -3.28 9.54
CB CSO A 43 11.26 -4.21 10.70
SG CSO A 43 9.51 -4.07 11.16
C CSO A 43 11.16 -1.83 9.79
O CSO A 43 10.18 -1.39 9.18
OD CSO A 43 8.53 -4.77 9.81
HB2 CSO A 43 11.78 -3.97 11.49
HB3 CSO A 43 11.43 -5.13 10.45
HD CSO A 43 7.60 -4.54 9.93
N GLU A 44 11.84 -1.10 10.69
CA GLU A 44 11.46 0.26 11.01
C GLU A 44 11.55 1.14 9.77
N GLU A 45 12.63 0.93 9.00
CA GLU A 45 12.87 1.72 7.79
C GLU A 45 11.83 1.43 6.72
N ARG A 46 11.43 0.16 6.56
CA ARG A 46 10.36 -0.19 5.63
C ARG A 46 9.09 0.51 6.01
N ASN A 47 8.81 0.55 7.31
CA ASN A 47 7.61 1.23 7.77
C ASN A 47 7.68 2.73 7.48
N LEU A 48 8.85 3.35 7.64
CA LEU A 48 8.98 4.77 7.34
C LEU A 48 8.74 5.04 5.87
N LEU A 49 9.26 4.17 5.00
CA LEU A 49 9.04 4.32 3.57
C LEU A 49 7.56 4.23 3.24
N SER A 50 6.90 3.20 3.79
CA SER A 50 5.47 2.97 3.55
C SER A 50 4.61 4.14 4.03
N VAL A 51 4.84 4.62 5.26
CA VAL A 51 4.07 5.75 5.81
C VAL A 51 4.23 7.00 4.96
N ALA A 52 5.46 7.29 4.55
CA ALA A 52 5.71 8.52 3.79
C ALA A 52 4.91 8.52 2.51
N TYR A 53 5.05 7.46 1.71
CA TYR A 53 4.38 7.46 0.40
C TYR A 53 2.88 7.24 0.55
N LYS A 54 2.43 6.49 1.57
CA LYS A 54 1.00 6.37 1.87
C LYS A 54 0.36 7.74 2.02
N ASN A 55 1.02 8.64 2.74
CA ASN A 55 0.46 9.95 2.98
C ASN A 55 0.53 10.82 1.75
N VAL A 56 1.63 10.76 1.00
CA VAL A 56 1.74 11.55 -0.23
C VAL A 56 0.66 11.14 -1.23
N VAL A 57 0.63 9.86 -1.57
CA VAL A 57 -0.32 9.38 -2.58
C VAL A 57 -1.74 9.50 -2.04
N GLY A 58 -1.91 9.44 -0.70
CA GLY A 58 -3.25 9.51 -0.15
C GLY A 58 -3.87 10.88 -0.38
N GLY A 59 -3.09 11.93 -0.21
CA GLY A 59 -3.60 13.26 -0.53
C GLY A 59 -3.93 13.43 -2.00
N GLN A 60 -3.11 12.86 -2.88
CA GLN A 60 -3.36 12.95 -4.32
C GLN A 60 -4.63 12.18 -4.68
N ARG A 61 -4.80 10.99 -4.10
CA ARG A 61 -5.99 10.18 -4.40
C ARG A 61 -7.25 10.88 -3.93
N ALA A 62 -7.23 11.43 -2.72
CA ALA A 62 -8.38 12.15 -2.22
C ALA A 62 -8.71 13.34 -3.09
N ALA A 63 -7.69 14.06 -3.57
CA ALA A 63 -7.92 15.19 -4.48
C ALA A 63 -8.49 14.71 -5.80
N TRP A 64 -7.90 13.64 -6.36
CA TRP A 64 -8.40 13.09 -7.61
C TRP A 64 -9.88 12.70 -7.51
N ARG A 65 -10.28 12.10 -6.40
CA ARG A 65 -11.68 11.70 -6.26
C ARG A 65 -12.61 12.91 -6.23
N VAL A 66 -12.21 13.97 -5.52
CA VAL A 66 -13.01 15.20 -5.52
C VAL A 66 -13.16 15.72 -6.93
N LEU A 67 -12.04 15.84 -7.66
CA LEU A 67 -12.06 16.43 -9.00
C LEU A 67 -12.83 15.54 -9.98
N SER A 68 -12.64 14.22 -9.88
CA SER A 68 -13.36 13.30 -10.78
C SER A 68 -14.86 13.40 -10.56
N SER A 69 -15.30 13.53 -9.31
CA SER A 69 -16.72 13.73 -9.04
C SER A 69 -17.23 15.02 -9.68
N ILE A 70 -16.49 16.12 -9.52
CA ILE A 70 -16.90 17.38 -10.13
C ILE A 70 -16.95 17.24 -11.64
N GLU A 71 -15.95 16.57 -12.21
CA GLU A 71 -15.89 16.38 -13.65
C GLU A 71 -17.11 15.57 -14.13
N GLN A 72 -17.47 14.53 -13.40
CA GLN A 72 -18.62 13.72 -13.79
C GLN A 72 -19.91 14.54 -13.79
N LYS A 73 -20.11 15.36 -12.75
CA LYS A 73 -21.30 16.21 -12.70
C LYS A 73 -21.33 17.18 -13.88
N SER A 74 -20.18 17.75 -14.23
CA SER A 74 -20.11 18.69 -15.34
C SER A 74 -20.42 18.03 -16.67
N ASN A 75 -20.38 16.71 -16.74
CA ASN A 75 -20.68 15.97 -17.96
C ASN A 75 -22.08 15.38 -17.88
N GLY A 83 -16.13 24.42 -20.04
CA GLY A 83 -14.74 24.63 -20.39
C GLY A 83 -13.85 23.46 -20.01
N PRO A 84 -12.58 23.52 -20.43
CA PRO A 84 -11.67 22.39 -20.22
C PRO A 84 -11.02 22.35 -18.85
N GLU A 85 -11.33 23.31 -17.97
CA GLU A 85 -10.51 23.50 -16.78
C GLU A 85 -10.61 22.32 -15.82
N VAL A 86 -11.82 21.79 -15.60
CA VAL A 86 -11.94 20.70 -14.64
C VAL A 86 -11.16 19.48 -15.12
N ARG A 87 -11.34 19.09 -16.40
CA ARG A 87 -10.56 17.98 -16.96
C ARG A 87 -9.07 18.25 -16.87
N GLU A 88 -8.66 19.48 -17.22
CA GLU A 88 -7.25 19.78 -17.20
C GLU A 88 -6.66 19.59 -15.82
N TYR A 89 -7.37 20.11 -14.81
CA TYR A 89 -6.82 20.07 -13.45
C TYR A 89 -6.86 18.64 -12.88
N ARG A 90 -7.93 17.87 -13.17
CA ARG A 90 -7.95 16.46 -12.80
C ARG A 90 -6.78 15.71 -13.44
N GLU A 91 -6.51 15.98 -14.72
CA GLU A 91 -5.36 15.38 -15.41
C GLU A 91 -4.03 15.76 -14.75
N LYS A 92 -3.91 17.00 -14.27
CA LYS A 92 -2.67 17.44 -13.65
C LYS A 92 -2.42 16.63 -12.38
N VAL A 93 -3.44 16.54 -11.54
CA VAL A 93 -3.33 15.73 -10.32
C VAL A 93 -3.08 14.27 -10.64
N GLU A 94 -3.84 13.73 -11.61
CA GLU A 94 -3.65 12.34 -12.04
C GLU A 94 -2.22 12.07 -12.48
N THR A 95 -1.65 12.97 -13.27
CA THR A 95 -0.29 12.78 -13.76
C THR A 95 0.71 12.81 -12.61
N GLU A 96 0.49 13.69 -11.64
CA GLU A 96 1.38 13.75 -10.49
C GLU A 96 1.28 12.48 -9.65
N LEU A 97 0.06 11.99 -9.47
CA LEU A 97 -0.18 10.74 -8.75
C LEU A 97 0.51 9.57 -9.44
N GLN A 98 0.33 9.46 -10.75
CA GLN A 98 0.98 8.39 -11.50
C GLN A 98 2.50 8.48 -11.36
N GLY A 99 3.04 9.70 -11.31
CA GLY A 99 4.47 9.84 -11.15
C GLY A 99 4.96 9.33 -9.81
N VAL A 100 4.21 9.59 -8.75
CA VAL A 100 4.57 9.05 -7.42
C VAL A 100 4.50 7.52 -7.45
N CYS A 101 3.43 6.97 -8.02
CA CYS A 101 3.33 5.51 -8.10
C CYS A 101 4.50 4.93 -8.89
N ASP A 102 4.86 5.56 -10.01
CA ASP A 102 6.00 5.07 -10.81
C ASP A 102 7.30 5.12 -10.01
N THR A 103 7.47 6.15 -9.20
CA THR A 103 8.68 6.26 -8.38
C THR A 103 8.77 5.13 -7.38
N VAL A 104 7.66 4.86 -6.68
CA VAL A 104 7.64 3.77 -5.69
C VAL A 104 7.90 2.44 -6.38
N LEU A 105 7.19 2.18 -7.48
CA LEU A 105 7.39 0.92 -8.19
C LEU A 105 8.82 0.78 -8.67
N GLY A 106 9.45 1.91 -9.04
CA GLY A 106 10.83 1.88 -9.47
C GLY A 106 11.79 1.55 -8.34
N LEU A 107 11.50 2.04 -7.13
CA LEU A 107 12.31 1.66 -5.99
C LEU A 107 12.17 0.17 -5.69
N LEU A 108 10.95 -0.35 -5.78
CA LEU A 108 10.73 -1.78 -5.52
C LEU A 108 11.43 -2.65 -6.56
N ASP A 109 11.42 -2.24 -7.82
CA ASP A 109 12.05 -2.99 -8.89
C ASP A 109 13.56 -2.78 -8.98
N SER A 110 14.07 -1.69 -8.41
CA SER A 110 15.48 -1.34 -8.53
C SER A 110 15.98 -0.85 -7.16
N HIS A 111 16.24 -1.75 -6.21
CA HIS A 111 16.24 -3.22 -6.31
C HIS A 111 15.72 -3.86 -5.03
N LEU A 112 14.72 -3.24 -4.40
CA LEU A 112 14.31 -3.71 -3.07
C LEU A 112 13.82 -5.16 -3.11
N ILE A 113 12.99 -5.50 -4.09
CA ILE A 113 12.37 -6.82 -4.10
C ILE A 113 13.41 -7.90 -4.35
N LYS A 114 14.29 -7.70 -5.34
CA LYS A 114 15.21 -8.79 -5.66
C LYS A 114 16.20 -9.04 -4.54
N GLU A 115 16.50 -8.03 -3.75
CA GLU A 115 17.43 -8.19 -2.65
C GLU A 115 16.74 -8.61 -1.35
N ALA A 116 15.43 -8.76 -1.35
CA ALA A 116 14.69 -9.11 -0.13
C ALA A 116 14.69 -10.62 0.04
N GLY A 117 15.59 -11.11 0.87
CA GLY A 117 15.72 -12.54 1.09
C GLY A 117 15.32 -12.99 2.49
N ASP A 118 14.15 -12.53 2.90
CA ASP A 118 13.42 -12.93 4.09
C ASP A 118 11.95 -12.78 3.76
N ALA A 119 11.10 -13.69 4.26
CA ALA A 119 9.68 -13.57 4.01
C ALA A 119 9.12 -12.23 4.50
N GLU A 120 9.54 -11.77 5.69
CA GLU A 120 9.01 -10.52 6.21
C GLU A 120 9.27 -9.37 5.25
N SER A 121 10.49 -9.26 4.73
CA SER A 121 10.80 -8.15 3.83
C SER A 121 10.18 -8.37 2.46
N ARG A 122 10.22 -9.59 1.94
CA ARG A 122 9.71 -9.81 0.59
C ARG A 122 8.20 -9.62 0.50
N VAL A 123 7.47 -10.11 1.49
CA VAL A 123 6.02 -9.91 1.52
C VAL A 123 5.68 -8.44 1.66
N PHE A 124 6.41 -7.71 2.51
CA PHE A 124 6.17 -6.28 2.66
C PHE A 124 6.26 -5.56 1.31
N TYR A 125 7.32 -5.85 0.55
CA TYR A 125 7.56 -5.14 -0.69
C TYR A 125 6.57 -5.57 -1.76
N LEU A 126 6.21 -6.86 -1.80
CA LEU A 126 5.26 -7.32 -2.81
C LEU A 126 3.86 -6.78 -2.53
N LYS A 127 3.50 -6.67 -1.25
CA LYS A 127 2.27 -5.95 -0.90
C LYS A 127 2.32 -4.52 -1.41
N MET A 128 3.42 -3.82 -1.17
CA MET A 128 3.53 -2.44 -1.65
C MET A 128 3.39 -2.37 -3.16
N LYS A 129 4.01 -3.32 -3.89
CA LYS A 129 3.89 -3.36 -5.34
C LYS A 129 2.43 -3.50 -5.76
N GLY A 130 1.68 -4.37 -5.09
CA GLY A 130 0.26 -4.49 -5.38
C GLY A 130 -0.49 -3.21 -5.09
N ASP A 131 -0.17 -2.56 -3.98
CA ASP A 131 -0.83 -1.34 -3.58
C ASP A 131 -0.64 -0.24 -4.63
N TYR A 132 0.59 -0.04 -5.11
CA TYR A 132 0.83 1.09 -6.03
C TYR A 132 0.37 0.79 -7.44
N TYR A 133 0.34 -0.48 -7.88
CA TYR A 133 -0.39 -0.81 -9.11
C TYR A 133 -1.89 -0.62 -8.93
N ARG A 134 -2.44 -0.95 -7.75
CA ARG A 134 -3.83 -0.67 -7.46
C ARG A 134 -4.14 0.83 -7.58
N TYR A 135 -3.30 1.70 -7.02
CA TYR A 135 -3.55 3.13 -7.14
C TYR A 135 -3.48 3.58 -8.61
N LEU A 136 -2.56 3.00 -9.38
CA LEU A 136 -2.57 3.25 -10.83
C LEU A 136 -3.88 2.78 -11.45
N ALA A 137 -4.39 1.63 -11.01
CA ALA A 137 -5.63 1.12 -11.61
C ALA A 137 -6.83 1.99 -11.28
N GLU A 138 -6.82 2.66 -10.12
CA GLU A 138 -7.95 3.49 -9.73
C GLU A 138 -8.20 4.61 -10.74
N VAL A 139 -7.16 5.07 -11.43
CA VAL A 139 -7.27 6.19 -12.37
C VAL A 139 -7.11 5.75 -13.82
N ALA A 140 -6.91 4.45 -14.07
CA ALA A 140 -6.62 3.98 -15.41
C ALA A 140 -7.89 3.81 -16.21
N THR A 141 -7.76 4.00 -17.53
CA THR A 141 -8.91 3.86 -18.42
C THR A 141 -8.54 3.28 -19.78
N GLY A 142 -7.34 3.61 -20.27
CA GLY A 142 -6.94 3.26 -21.62
C GLY A 142 -6.49 1.82 -21.81
N ASP A 143 -5.70 1.62 -22.87
CA ASP A 143 -5.32 0.29 -23.33
C ASP A 143 -4.38 -0.44 -22.37
N ASP A 144 -4.03 0.15 -21.23
CA ASP A 144 -3.16 -0.50 -20.27
C ASP A 144 -3.86 -0.84 -18.96
N LYS A 145 -5.14 -0.49 -18.81
CA LYS A 145 -5.82 -0.73 -17.54
C LYS A 145 -5.81 -2.21 -17.18
N LYS A 146 -6.07 -3.08 -18.16
CA LYS A 146 -6.19 -4.50 -17.82
C LYS A 146 -4.84 -5.05 -17.39
N ARG A 147 -3.77 -4.61 -18.04
CA ARG A 147 -2.43 -5.03 -17.65
C ARG A 147 -2.06 -4.47 -16.27
N ILE A 148 -2.51 -3.25 -15.96
CA ILE A 148 -2.23 -2.70 -14.63
C ILE A 148 -2.88 -3.57 -13.55
N ILE A 149 -4.15 -3.92 -13.76
CA ILE A 149 -4.86 -4.75 -12.81
C ILE A 149 -4.18 -6.10 -12.63
N ASP A 150 -3.72 -6.70 -13.73
CA ASP A 150 -3.07 -7.99 -13.62
C ASP A 150 -1.75 -7.89 -12.90
N SER A 151 -1.05 -6.76 -13.06
CA SER A 151 0.20 -6.58 -12.33
C SER A 151 -0.06 -6.47 -10.84
N ALA A 152 -1.12 -5.76 -10.45
CA ALA A 152 -1.47 -5.70 -9.03
C ALA A 152 -1.82 -7.08 -8.50
N ARG A 153 -2.70 -7.79 -9.21
N ARG A 153 -2.69 -7.80 -9.22
CA ARG A 153 -3.10 -9.13 -8.78
CA ARG A 153 -3.10 -9.13 -8.79
C ARG A 153 -1.89 -10.04 -8.61
C ARG A 153 -1.91 -10.05 -8.63
N SER A 154 -0.98 -10.01 -9.58
CA SER A 154 0.17 -10.92 -9.54
C SER A 154 1.05 -10.65 -8.33
N ALA A 155 1.28 -9.37 -8.02
CA ALA A 155 2.11 -9.01 -6.87
C ALA A 155 1.43 -9.43 -5.57
N TYR A 156 0.14 -9.13 -5.44
CA TYR A 156 -0.61 -9.54 -4.27
C TYR A 156 -0.61 -11.06 -4.10
N GLN A 157 -0.82 -11.79 -5.20
CA GLN A 157 -0.92 -13.23 -5.09
C GLN A 157 0.40 -13.85 -4.67
N GLU A 158 1.52 -13.39 -5.24
CA GLU A 158 2.81 -13.93 -4.81
C GLU A 158 3.05 -13.63 -3.34
N ALA A 159 2.65 -12.44 -2.88
CA ALA A 159 2.81 -12.10 -1.47
C ALA A 159 1.94 -12.99 -0.58
N MET A 160 0.71 -13.26 -1.01
CA MET A 160 -0.16 -14.15 -0.27
C MET A 160 0.45 -15.54 -0.16
N ASP A 161 0.95 -16.07 -1.28
CA ASP A 161 1.50 -17.42 -1.28
C ASP A 161 2.65 -17.54 -0.28
N ILE A 162 3.55 -16.54 -0.27
CA ILE A 162 4.69 -16.56 0.64
C ILE A 162 4.20 -16.42 2.08
N SER A 163 3.26 -15.50 2.31
CA SER A 163 2.81 -15.22 3.67
C SER A 163 2.10 -16.44 4.27
N LYS A 164 1.35 -17.18 3.45
CA LYS A 164 0.69 -18.37 3.98
C LYS A 164 1.69 -19.46 4.34
N LYS A 165 2.78 -19.58 3.59
N LYS A 165 2.80 -19.55 3.60
CA LYS A 165 3.79 -20.58 3.90
CA LYS A 165 3.82 -20.55 3.83
C LYS A 165 4.67 -20.18 5.09
C LYS A 165 4.77 -20.18 4.96
N GLU A 166 5.00 -18.89 5.22
CA GLU A 166 6.07 -18.45 6.11
C GLU A 166 5.66 -17.63 7.33
N MET A 167 4.43 -17.15 7.40
CA MET A 167 4.00 -16.30 8.51
C MET A 167 2.76 -16.87 9.18
N PRO A 168 2.59 -16.64 10.47
CA PRO A 168 1.34 -17.05 11.13
C PRO A 168 0.19 -16.19 10.68
N PRO A 169 -1.05 -16.68 10.85
CA PRO A 169 -2.22 -15.96 10.35
C PRO A 169 -2.51 -14.66 11.07
N THR A 170 -1.87 -14.40 12.21
CA THR A 170 -2.04 -13.13 12.92
C THR A 170 -0.95 -12.11 12.60
N ASN A 171 0.04 -12.46 11.79
CA ASN A 171 1.09 -11.51 11.48
C ASN A 171 0.53 -10.24 10.85
N PRO A 172 0.87 -9.05 11.36
CA PRO A 172 0.21 -7.83 10.87
C PRO A 172 0.49 -7.50 9.41
N ILE A 173 1.65 -7.86 8.89
CA ILE A 173 1.91 -7.66 7.47
C ILE A 173 1.00 -8.57 6.65
N ARG A 174 0.87 -9.83 7.06
CA ARG A 174 -0.04 -10.76 6.39
C ARG A 174 -1.48 -10.26 6.43
N LEU A 175 -1.93 -9.79 7.60
CA LEU A 175 -3.29 -9.27 7.74
C LEU A 175 -3.52 -8.04 6.86
N GLY A 176 -2.60 -7.09 6.87
CA GLY A 176 -2.77 -5.90 6.03
C GLY A 176 -2.70 -6.23 4.56
N LEU A 177 -1.88 -7.21 4.18
CA LEU A 177 -1.87 -7.69 2.80
C LEU A 177 -3.23 -8.22 2.40
N ALA A 178 -3.81 -9.10 3.23
CA ALA A 178 -5.09 -9.70 2.88
C ALA A 178 -6.19 -8.66 2.85
N LEU A 179 -6.17 -7.73 3.79
CA LEU A 179 -7.12 -6.60 3.76
C LEU A 179 -7.07 -5.87 2.43
N ASN A 180 -5.88 -5.47 1.99
CA ASN A 180 -5.74 -4.69 0.75
C ASN A 180 -6.07 -5.51 -0.49
N PHE A 181 -5.67 -6.79 -0.52
CA PHE A 181 -6.04 -7.65 -1.63
C PHE A 181 -7.56 -7.79 -1.70
N SER A 182 -8.24 -7.84 -0.54
CA SER A 182 -9.69 -7.93 -0.54
C SER A 182 -10.30 -6.66 -1.12
N VAL A 183 -9.75 -5.49 -0.76
CA VAL A 183 -10.19 -4.23 -1.35
C VAL A 183 -9.94 -4.21 -2.85
N PHE A 184 -8.78 -4.71 -3.29
CA PHE A 184 -8.53 -4.85 -4.72
C PHE A 184 -9.66 -5.65 -5.39
N HIS A 185 -9.97 -6.83 -4.83
CA HIS A 185 -11.02 -7.66 -5.41
C HIS A 185 -12.32 -6.90 -5.49
N TYR A 186 -12.68 -6.20 -4.41
CA TYR A 186 -14.01 -5.61 -4.34
C TYR A 186 -14.17 -4.46 -5.33
N GLU A 187 -13.22 -3.53 -5.37
CA GLU A 187 -13.47 -2.30 -6.09
C GLU A 187 -12.63 -2.10 -7.35
N ILE A 188 -11.63 -2.93 -7.59
CA ILE A 188 -10.82 -2.86 -8.80
C ILE A 188 -11.17 -3.98 -9.76
N ALA A 189 -11.24 -5.21 -9.24
CA ALA A 189 -11.41 -6.39 -10.07
C ALA A 189 -12.88 -6.75 -10.24
N ASN A 190 -13.78 -6.02 -9.61
CA ASN A 190 -15.21 -6.33 -9.68
C ASN A 190 -15.50 -7.77 -9.26
N SER A 191 -14.82 -8.22 -8.19
CA SER A 191 -14.97 -9.56 -7.63
C SER A 191 -15.39 -9.45 -6.17
N PRO A 192 -16.57 -8.90 -5.90
CA PRO A 192 -16.99 -8.70 -4.51
C PRO A 192 -17.12 -9.99 -3.71
N GLU A 193 -17.48 -11.11 -4.34
CA GLU A 193 -17.55 -12.33 -3.55
C GLU A 193 -16.16 -12.84 -3.18
N GLU A 194 -15.19 -12.73 -4.10
CA GLU A 194 -13.80 -13.00 -3.70
C GLU A 194 -13.37 -12.10 -2.55
N ALA A 195 -13.73 -10.83 -2.60
CA ALA A 195 -13.34 -9.89 -1.54
C ALA A 195 -13.91 -10.30 -0.19
N ILE A 196 -15.19 -10.64 -0.16
CA ILE A 196 -15.86 -11.05 1.06
C ILE A 196 -15.29 -12.37 1.58
N SER A 197 -15.09 -13.33 0.68
N SER A 197 -15.09 -13.33 0.68
CA SER A 197 -14.52 -14.62 1.09
CA SER A 197 -14.51 -14.62 1.08
C SER A 197 -13.13 -14.41 1.70
C SER A 197 -13.14 -14.43 1.70
N LEU A 198 -12.30 -13.61 1.06
CA LEU A 198 -10.95 -13.41 1.58
C LEU A 198 -10.96 -12.72 2.94
N ALA A 199 -11.78 -11.68 3.10
CA ALA A 199 -11.80 -10.98 4.39
C ALA A 199 -12.29 -11.92 5.50
N LYS A 200 -13.29 -12.74 5.21
CA LYS A 200 -13.87 -13.61 6.24
C LYS A 200 -12.90 -14.71 6.64
N THR A 201 -12.27 -15.37 5.65
CA THR A 201 -11.29 -16.42 5.96
C THR A 201 -10.08 -15.87 6.69
N THR A 202 -9.60 -14.71 6.28
CA THR A 202 -8.49 -14.06 6.98
C THR A 202 -8.86 -13.75 8.42
N PHE A 203 -10.05 -13.17 8.62
CA PHE A 203 -10.48 -12.81 9.98
C PHE A 203 -10.55 -14.06 10.86
N ASP A 204 -11.18 -15.12 10.34
CA ASP A 204 -11.44 -16.32 11.15
C ASP A 204 -10.15 -17.05 11.47
N GLU A 205 -9.21 -17.12 10.53
CA GLU A 205 -7.96 -17.80 10.83
C GLU A 205 -7.09 -16.99 11.80
N ALA A 206 -7.18 -15.66 11.76
CA ALA A 206 -6.47 -14.87 12.75
C ALA A 206 -7.10 -15.05 14.13
N MET A 207 -8.42 -15.04 14.20
CA MET A 207 -9.06 -15.24 15.50
C MET A 207 -8.59 -16.52 16.18
N ALA A 208 -8.49 -17.60 15.42
CA ALA A 208 -8.14 -18.88 15.99
C ALA A 208 -6.66 -18.95 16.39
N ASP A 209 -5.85 -17.96 15.99
CA ASP A 209 -4.43 -17.90 16.34
C ASP A 209 -4.15 -16.89 17.45
N LEU A 210 -5.15 -16.11 17.90
CA LEU A 210 -4.88 -15.06 18.88
C LEU A 210 -4.34 -15.63 20.19
N HIS A 211 -4.72 -16.87 20.52
CA HIS A 211 -4.34 -17.44 21.82
C HIS A 211 -2.84 -17.62 21.95
N THR A 212 -2.09 -17.58 20.84
CA THR A 212 -0.64 -17.76 20.87
C THR A 212 0.13 -16.47 21.17
N LEU A 213 -0.55 -15.34 21.25
CA LEU A 213 0.08 -14.03 21.23
C LEU A 213 0.23 -13.42 22.62
N SER A 214 1.26 -12.59 22.75
CA SER A 214 1.43 -11.66 23.86
C SER A 214 0.38 -10.57 23.83
N GLU A 215 0.29 -9.81 24.93
CA GLU A 215 -0.67 -8.71 24.99
C GLU A 215 -0.40 -7.69 23.89
N ASP A 216 0.89 -7.41 23.62
CA ASP A 216 1.24 -6.41 22.62
C ASP A 216 0.94 -6.91 21.20
N SER A 217 1.33 -8.13 20.88
CA SER A 217 1.02 -8.68 19.56
C SER A 217 -0.49 -8.80 19.37
N TYR A 218 -1.20 -9.19 20.42
CA TYR A 218 -2.66 -9.26 20.35
C TYR A 218 -3.25 -7.92 19.96
N LYS A 219 -2.73 -6.82 20.51
CA LYS A 219 -3.24 -5.51 20.12
C LYS A 219 -2.95 -5.19 18.65
N ASP A 220 -1.74 -5.49 18.18
CA ASP A 220 -1.38 -5.30 16.78
C ASP A 220 -2.35 -6.03 15.85
N SER A 221 -2.55 -7.32 16.09
CA SER A 221 -3.40 -8.15 15.23
C SER A 221 -4.87 -7.76 15.30
N THR A 222 -5.41 -7.54 16.50
CA THR A 222 -6.83 -7.25 16.57
C THR A 222 -7.16 -5.89 15.96
N LEU A 223 -6.21 -4.96 15.97
CA LEU A 223 -6.42 -3.68 15.29
C LEU A 223 -6.75 -3.88 13.80
N ILE A 224 -5.99 -4.74 13.12
CA ILE A 224 -6.23 -4.95 11.70
C ILE A 224 -7.43 -5.83 11.47
N MET A 225 -7.66 -6.80 12.38
CA MET A 225 -8.88 -7.59 12.28
C MET A 225 -10.11 -6.71 12.31
N GLN A 226 -10.08 -5.63 13.09
CA GLN A 226 -11.23 -4.76 13.17
C GLN A 226 -11.49 -4.10 11.82
N LEU A 227 -10.43 -3.80 11.05
CA LEU A 227 -10.63 -3.23 9.71
C LEU A 227 -11.28 -4.24 8.78
N LEU A 228 -10.87 -5.53 8.85
CA LEU A 228 -11.52 -6.57 8.08
C LEU A 228 -13.00 -6.67 8.45
N ARG A 229 -13.29 -6.64 9.75
CA ARG A 229 -14.68 -6.74 10.19
C ARG A 229 -15.50 -5.57 9.69
N ASP A 230 -14.95 -4.35 9.76
CA ASP A 230 -15.73 -3.19 9.35
C ASP A 230 -16.01 -3.25 7.85
N ASN A 231 -15.06 -3.74 7.07
CA ASN A 231 -15.32 -3.91 5.65
C ASN A 231 -16.43 -4.93 5.39
N LEU A 232 -16.37 -6.09 6.06
CA LEU A 232 -17.44 -7.08 5.90
C LEU A 232 -18.79 -6.49 6.24
N THR A 233 -18.86 -5.67 7.29
CA THR A 233 -20.12 -5.02 7.65
C THR A 233 -20.59 -4.07 6.55
N LEU A 234 -19.66 -3.37 5.91
CA LEU A 234 -20.04 -2.48 4.82
C LEU A 234 -20.49 -3.27 3.59
N TRP A 235 -19.91 -4.44 3.34
CA TRP A 235 -20.10 -5.15 2.07
C TRP A 235 -21.21 -6.19 2.11
N THR A 236 -21.77 -6.47 3.29
CA THR A 236 -22.78 -7.52 3.45
C THR A 236 -24.02 -6.96 4.16
N ARG B 3 -16.62 4.79 3.87
CA ARG B 3 -15.57 4.37 2.92
C ARG B 3 -14.77 3.19 3.48
N ARG B 4 -14.59 2.17 2.65
CA ARG B 4 -13.90 0.95 3.10
C ARG B 4 -12.48 1.27 3.57
N PHE B 5 -11.95 0.40 4.44
CA PHE B 5 -10.61 0.55 4.96
C PHE B 5 -9.60 -0.22 4.14
N SEP B 6 -8.43 0.38 3.93
CA SEP B 6 -7.26 -0.39 3.53
CB SEP B 6 -6.75 0.07 2.15
OG SEP B 6 -6.48 1.46 2.22
C SEP B 6 -6.23 -0.19 4.63
O SEP B 6 -6.45 0.56 5.58
P SEP B 6 -5.91 2.08 0.84
O1P SEP B 6 -5.71 3.63 1.17
O2P SEP B 6 -6.99 1.95 -0.32
O3P SEP B 6 -4.53 1.38 0.46
N ALA B 7 -5.11 -0.90 4.52
CA ALA B 7 -4.23 -1.08 5.65
C ALA B 7 -3.63 0.24 6.09
N GLY B 8 -3.34 1.09 5.09
CA GLY B 8 -2.62 2.33 5.34
C GLY B 8 -3.37 3.34 6.19
N MET B 9 -4.70 3.22 6.29
CA MET B 9 -5.48 4.22 6.99
C MET B 9 -5.88 3.81 8.41
N ARG B 10 -5.57 2.57 8.82
CA ARG B 10 -5.91 2.04 10.15
C ARG B 10 -6.74 2.96 11.05
CL CL C . 17.75 19.02 5.57
MG MG D . 28.03 6.93 4.15
C02 0B7 E . 6.50 4.78 12.20
C04 0B7 E . 6.68 3.32 12.59
C05 0B7 E . 7.91 2.81 13.12
C06 0B7 E . 7.76 1.33 13.39
C07 0B7 E . 6.44 0.89 13.03
C08 0B7 E . 6.20 -0.60 13.24
C10 0B7 E . 4.87 -2.71 12.78
C12 0B7 E . 3.41 -2.98 12.72
C13 0B7 E . 2.73 -2.51 11.63
C14 0B7 E . 1.34 -2.67 11.60
C15 0B7 E . 0.70 -3.24 12.67
C16 0B7 E . -0.66 -3.25 12.33
C17 0B7 E . -0.79 -2.70 11.07
C19 0B7 E . 1.40 -3.68 13.81
C20 0B7 E . 2.79 -3.54 13.84
C22 0B7 E . 8.87 0.44 13.97
C23 0B7 E . 9.67 0.98 14.98
C24 0B7 E . 10.68 0.21 15.54
C25 0B7 E . 10.91 -1.09 15.11
C26 0B7 E . 10.11 -1.63 14.11
C27 0B7 E . 9.10 -0.87 13.54
N01 0B7 E . 7.63 5.67 12.36
N03 0B7 E . 5.39 5.18 11.74
N09 0B7 E . 4.94 -1.25 13.08
N18 0B7 E . 0.41 -2.34 10.65
O11 0B7 E . 5.74 -3.51 12.63
S21 0B7 E . 5.54 2.16 12.44
H051 0B7 E . 8.67 3.31 13.27
H082 0B7 E . 6.45 -0.78 14.16
H081 0B7 E . 6.81 -1.06 12.65
H131 0B7 E . 3.18 -2.10 10.93
H161 0B7 E . -1.36 -3.58 12.86
H171 0B7 E . -1.59 -2.58 10.60
H191 0B7 E . 0.96 -4.07 14.52
H201 0B7 E . 3.28 -3.80 14.59
H231 0B7 E . 9.52 1.84 15.26
H241 0B7 E . 11.21 0.58 16.21
H251 0B7 E . 11.60 -1.59 15.48
H261 0B7 E . 10.25 -2.51 13.82
H271 0B7 E . 8.57 -1.24 12.88
H011 0B7 E . 7.57 6.49 12.15
H031 0B7 E . 5.28 6.03 11.52
H091 0B7 E . 4.20 -0.80 13.14
H181 0B7 E . 0.59 -1.97 9.90
H012 0B7 E . 8.38 5.36 12.66
#